data_3ZJS
#
_entry.id   3ZJS
#
_cell.length_a   50.980
_cell.length_b   48.120
_cell.length_c   80.490
_cell.angle_alpha   90.00
_cell.angle_beta   94.61
_cell.angle_gamma   90.00
#
_symmetry.space_group_name_H-M   'P 1 21 1'
#
loop_
_entity.id
_entity.type
_entity.pdbx_description
1 polymer PROTOGLOBIN
2 non-polymer 'PROTOPORPHYRIN IX CONTAINING FE'
3 non-polymer 'AZIDE ION'
4 non-polymer XENON
5 water water
#
_entity_poly.entity_id   1
_entity_poly.type   'polypeptide(L)'
_entity_poly.pdbx_seq_one_letter_code
;MSVEKIPGYTYGETENRAPFNLEDLKLLKEAVMFTAEDEEYIQKAGEVLEDQVEEILDTWYGFVGSHPHLLYYFTSPDGT
PNEKYLAAVRKRFSRWILDTSNRSYDQAWLDYQYEIGLRHHRTKKNQTDNVESVPNIGYRYLVAFIYPITATMKPFLARK
GHTPEEVEKMYQAWFKATTLQVALWSYPYVKYGDF
;
_entity_poly.pdbx_strand_id   A,B
#
# COMPACT_ATOMS: atom_id res chain seq x y z
N LYS A 5 -29.30 -6.26 -6.68
CA LYS A 5 -30.19 -5.21 -6.14
C LYS A 5 -29.43 -3.88 -5.93
N ILE A 6 -28.12 -3.91 -6.09
CA ILE A 6 -27.30 -2.70 -5.83
C ILE A 6 -26.82 -2.08 -7.11
N PRO A 7 -27.35 -0.89 -7.44
CA PRO A 7 -27.12 -0.40 -8.81
C PRO A 7 -25.64 -0.17 -9.09
N GLY A 8 -25.19 -0.62 -10.25
CA GLY A 8 -23.79 -0.57 -10.61
C GLY A 8 -22.96 -1.75 -10.13
N TYR A 9 -23.51 -2.53 -9.21
CA TYR A 9 -22.77 -3.64 -8.64
C TYR A 9 -22.82 -4.85 -9.56
N THR A 10 -21.68 -5.19 -10.19
CA THR A 10 -21.72 -6.21 -11.21
C THR A 10 -20.83 -7.42 -10.90
N TYR A 11 -20.61 -7.71 -9.63
CA TYR A 11 -19.76 -8.85 -9.28
C TYR A 11 -20.30 -10.10 -9.99
N GLY A 12 -19.43 -10.81 -10.72
CA GLY A 12 -19.85 -12.02 -11.40
C GLY A 12 -20.53 -11.81 -12.74
N GLU A 13 -20.67 -10.55 -13.16
CA GLU A 13 -21.24 -10.23 -14.49
C GLU A 13 -20.40 -9.18 -15.20
N THR A 14 -19.10 -9.23 -15.04
CA THR A 14 -18.23 -8.25 -15.70
C THR A 14 -17.97 -8.63 -17.14
N GLU A 15 -17.72 -7.61 -17.96
CA GLU A 15 -17.49 -7.77 -19.40
C GLU A 15 -16.11 -8.34 -19.73
N ASN A 16 -15.17 -8.13 -18.84
CA ASN A 16 -13.80 -8.47 -19.10
C ASN A 16 -13.28 -9.55 -18.20
N ARG A 17 -12.44 -10.42 -18.74
CA ARG A 17 -11.57 -11.24 -17.94
C ARG A 17 -10.45 -10.40 -17.42
N ALA A 18 -10.13 -10.57 -16.17
CA ALA A 18 -8.97 -9.94 -15.58
C ALA A 18 -7.67 -10.37 -16.26
N PRO A 19 -6.70 -9.49 -16.27
CA PRO A 19 -5.44 -9.84 -16.91
C PRO A 19 -4.53 -10.59 -15.95
N PHE A 20 -5.03 -10.85 -14.74
CA PHE A 20 -4.30 -11.69 -13.78
C PHE A 20 -5.15 -12.89 -13.39
N ASN A 21 -4.49 -14.00 -13.09
CA ASN A 21 -5.17 -15.24 -12.79
C ASN A 21 -4.76 -15.78 -11.42
N LEU A 22 -5.18 -17.01 -11.13
CA LEU A 22 -5.11 -17.49 -9.76
C LEU A 22 -3.69 -17.85 -9.42
N GLU A 23 -2.90 -18.04 -10.47
CA GLU A 23 -1.46 -18.19 -10.29
C GLU A 23 -0.79 -16.88 -9.83
N ASP A 24 -1.09 -15.77 -10.51
CA ASP A 24 -0.69 -14.44 -10.05
C ASP A 24 -1.15 -14.17 -8.63
N LEU A 25 -2.36 -14.60 -8.33
CA LEU A 25 -2.96 -14.29 -7.04
C LEU A 25 -2.26 -15.04 -5.90
N LYS A 26 -1.83 -16.26 -6.16
CA LYS A 26 -1.19 -17.06 -5.12
C LYS A 26 0.16 -16.43 -4.74
N LEU A 27 0.87 -15.92 -5.74
CA LEU A 27 2.18 -15.32 -5.49
C LEU A 27 2.08 -13.95 -4.81
N LEU A 28 1.11 -13.58 -4.94
CA LEU A 28 0.86 -12.22 -4.43
C LEU A 28 0.13 -12.26 -3.10
N LYS A 29 -0.66 -13.23 -2.81
CA LYS A 29 -1.01 -13.66 -1.47
C LYS A 29 0.24 -13.89 -0.65
N GLU A 30 1.20 -14.58 -1.24
CA GLU A 30 2.43 -14.89 -0.55
C GLU A 30 3.19 -13.60 -0.24
N ALA A 31 3.26 -12.69 -1.19
CA ALA A 31 3.96 -11.44 -0.92
C ALA A 31 3.35 -10.66 0.26
N VAL A 32 2.03 -10.69 0.42
CA VAL A 32 1.42 -10.07 1.59
C VAL A 32 1.24 -10.98 2.81
N MET A 33 1.81 -12.19 2.74
CA MET A 33 1.84 -13.10 3.88
C MET A 33 0.43 -13.55 4.26
N PHE A 34 -0.45 -13.65 3.26
CA PHE A 34 -1.84 -14.07 3.46
C PHE A 34 -1.93 -15.59 3.31
N THR A 35 -2.48 -16.25 4.32
CA THR A 35 -2.58 -17.73 4.32
C THR A 35 -4.01 -18.20 4.63
N ALA A 36 -4.22 -19.51 4.73
CA ALA A 36 -5.52 -20.06 5.18
C ALA A 36 -5.99 -19.52 6.50
N GLU A 37 -5.07 -19.21 7.40
CA GLU A 37 -5.46 -18.64 8.68
C GLU A 37 -6.12 -17.27 8.48
N ASP A 38 -5.61 -16.47 7.55
CA ASP A 38 -6.26 -15.18 7.30
C ASP A 38 -7.66 -15.35 6.68
N GLU A 39 -7.88 -16.39 5.87
CA GLU A 39 -9.23 -16.67 5.36
C GLU A 39 -10.21 -16.83 6.50
N GLU A 40 -9.82 -17.60 7.50
CA GLU A 40 -10.71 -17.82 8.62
C GLU A 40 -11.00 -16.47 9.27
N TYR A 41 -9.97 -15.65 9.42
CA TYR A 41 -10.08 -14.42 10.21
C TYR A 41 -10.69 -13.22 9.48
N ILE A 42 -10.54 -13.19 8.17
CA ILE A 42 -11.23 -12.20 7.36
C ILE A 42 -12.73 -12.53 7.37
N GLN A 43 -13.05 -13.81 7.32
CA GLN A 43 -14.43 -14.27 7.43
C GLN A 43 -15.06 -13.92 8.78
N LYS A 44 -14.26 -14.00 9.84
CA LYS A 44 -14.70 -13.62 11.17
C LYS A 44 -14.82 -12.09 11.26
N ALA A 45 -13.92 -11.38 10.58
CA ALA A 45 -14.05 -9.95 10.46
C ALA A 45 -15.44 -9.56 9.91
N GLY A 46 -15.92 -10.30 8.92
CA GLY A 46 -17.20 -9.98 8.28
C GLY A 46 -18.39 -10.07 9.22
N GLU A 47 -18.49 -11.21 9.92
CA GLU A 47 -19.53 -11.42 10.94
C GLU A 47 -19.58 -10.29 11.96
N VAL A 48 -18.40 -9.72 12.28
CA VAL A 48 -18.25 -8.69 13.30
C VAL A 48 -18.62 -7.27 12.77
N LEU A 49 -18.26 -7.01 11.52
CA LEU A 49 -18.49 -5.71 10.90
C LEU A 49 -19.88 -5.61 10.31
N GLU A 50 -20.49 -6.75 10.00
CA GLU A 50 -21.71 -6.76 9.19
C GLU A 50 -22.76 -5.81 9.77
N ASP A 51 -22.90 -5.87 11.09
CA ASP A 51 -23.88 -5.10 11.85
C ASP A 51 -23.65 -3.63 11.77
N GLN A 52 -22.37 -3.27 11.68
CA GLN A 52 -21.92 -1.92 11.96
C GLN A 52 -21.69 -1.16 10.67
N VAL A 53 -22.04 -1.78 9.55
CA VAL A 53 -21.62 -1.26 8.25
C VAL A 53 -22.03 0.22 8.03
N GLU A 54 -23.18 0.63 8.51
CA GLU A 54 -23.55 2.01 8.42
C GLU A 54 -22.63 2.96 9.12
N GLU A 55 -22.22 2.62 10.33
CA GLU A 55 -21.40 3.50 11.09
C GLU A 55 -20.02 3.64 10.48
N ILE A 56 -19.51 2.54 10.02
CA ILE A 56 -18.24 2.45 9.30
C ILE A 56 -18.22 3.39 8.10
N LEU A 57 -19.26 3.34 7.29
CA LEU A 57 -19.34 4.17 6.08
C LEU A 57 -19.35 5.65 6.43
N ASP A 58 -20.08 6.00 7.50
CA ASP A 58 -20.09 7.36 8.02
C ASP A 58 -18.71 7.76 8.51
N THR A 59 -18.00 6.85 9.19
CA THR A 59 -16.61 7.15 9.61
C THR A 59 -15.73 7.43 8.40
N TRP A 60 -15.81 6.57 7.41
CA TRP A 60 -15.06 6.68 6.17
C TRP A 60 -15.39 7.88 5.33
N TYR A 61 -16.66 8.11 5.04
CA TYR A 61 -17.06 9.32 4.30
C TYR A 61 -16.85 10.62 5.04
N GLY A 62 -16.87 10.56 6.37
CA GLY A 62 -16.54 11.71 7.21
C GLY A 62 -15.05 12.06 7.21
N PHE A 63 -14.19 11.07 7.00
CA PHE A 63 -12.80 11.35 6.71
C PHE A 63 -12.67 11.89 5.28
N VAL A 64 -13.36 11.30 4.34
CA VAL A 64 -13.29 11.77 2.96
C VAL A 64 -13.81 13.23 2.80
N GLY A 65 -15.00 13.49 3.30
CA GLY A 65 -15.59 14.82 3.16
C GLY A 65 -14.77 15.88 3.86
N SER A 66 -14.01 15.47 4.87
CA SER A 66 -13.17 16.36 5.64
C SER A 66 -12.06 16.99 4.83
N HIS A 67 -11.67 16.36 3.74
CA HIS A 67 -10.46 16.75 3.04
C HIS A 67 -10.81 17.11 1.60
N PRO A 68 -10.71 18.41 1.29
CA PRO A 68 -11.22 18.86 0.01
C PRO A 68 -10.51 18.20 -1.17
N HIS A 69 -9.22 17.93 -1.02
CA HIS A 69 -8.47 17.31 -2.11
C HIS A 69 -8.82 15.84 -2.24
N LEU A 70 -9.55 15.32 -1.25
CA LEU A 70 -10.10 13.95 -1.29
C LEU A 70 -11.57 13.85 -1.72
N LEU A 71 -12.43 14.64 -1.08
CA LEU A 71 -13.81 14.86 -1.54
C LEU A 71 -13.84 15.21 -3.04
N TYR A 72 -12.84 15.96 -3.47
CA TYR A 72 -12.69 16.37 -4.87
C TYR A 72 -13.10 15.29 -5.88
N TYR A 73 -12.76 14.03 -5.60
CA TYR A 73 -12.96 12.97 -6.58
C TYR A 73 -14.44 12.54 -6.71
N PHE A 74 -15.27 12.97 -5.75
CA PHE A 74 -16.73 12.87 -5.87
C PHE A 74 -17.42 14.18 -6.34
N THR A 75 -16.68 15.17 -6.82
CA THR A 75 -17.34 16.48 -7.08
C THR A 75 -17.88 16.58 -8.51
N SER A 76 -19.00 17.28 -8.65
CA SER A 76 -19.35 17.89 -9.93
C SER A 76 -18.26 18.89 -10.40
N PRO A 77 -18.21 19.19 -11.71
CA PRO A 77 -17.22 20.15 -12.25
C PRO A 77 -17.21 21.52 -11.55
N ASP A 78 -18.36 21.92 -10.99
CA ASP A 78 -18.42 23.18 -10.28
C ASP A 78 -17.83 23.16 -8.88
N GLY A 79 -17.27 22.01 -8.46
CA GLY A 79 -16.64 21.91 -7.14
C GLY A 79 -17.49 21.37 -5.99
N THR A 80 -18.80 21.26 -6.18
CA THR A 80 -19.70 20.82 -5.13
C THR A 80 -19.83 19.28 -5.20
N PRO A 81 -19.89 18.63 -4.03
CA PRO A 81 -20.01 17.17 -4.01
C PRO A 81 -21.24 16.69 -4.78
N ASN A 82 -21.05 15.73 -5.68
CA ASN A 82 -22.19 15.10 -6.33
C ASN A 82 -22.84 14.05 -5.41
N GLU A 83 -24.04 14.37 -4.92
CA GLU A 83 -24.64 13.57 -3.86
C GLU A 83 -25.20 12.27 -4.37
N LYS A 84 -25.55 12.23 -5.66
CA LYS A 84 -26.00 10.99 -6.25
C LYS A 84 -24.80 10.07 -6.36
N TYR A 85 -23.65 10.66 -6.64
CA TYR A 85 -22.40 9.93 -6.84
C TYR A 85 -21.97 9.29 -5.53
N LEU A 86 -22.06 10.07 -4.46
CA LEU A 86 -21.70 9.63 -3.12
C LEU A 86 -22.56 8.46 -2.64
N ALA A 87 -23.88 8.61 -2.77
CA ALA A 87 -24.85 7.60 -2.31
C ALA A 87 -24.72 6.29 -3.09
N ALA A 88 -24.55 6.37 -4.41
CA ALA A 88 -24.47 5.15 -5.19
C ALA A 88 -23.21 4.34 -4.84
N VAL A 89 -22.05 5.00 -4.85
CA VAL A 89 -20.75 4.40 -4.49
C VAL A 89 -20.76 3.85 -3.07
N ARG A 90 -21.39 4.57 -2.16
CA ARG A 90 -21.54 4.12 -0.77
C ARG A 90 -22.18 2.71 -0.67
N LYS A 91 -23.25 2.48 -1.43
CA LYS A 91 -23.87 1.16 -1.47
C LYS A 91 -22.88 0.10 -1.97
N ARG A 92 -22.10 0.42 -3.00
CA ARG A 92 -21.17 -0.55 -3.56
C ARG A 92 -19.94 -0.75 -2.65
N PHE A 93 -19.60 0.30 -1.90
CA PHE A 93 -18.50 0.23 -0.96
C PHE A 93 -18.87 -0.68 0.22
N SER A 94 -20.08 -0.47 0.72
CA SER A 94 -20.62 -1.30 1.80
C SER A 94 -20.64 -2.80 1.42
N ARG A 95 -20.97 -3.09 0.18
CA ARG A 95 -20.97 -4.46 -0.28
C ARG A 95 -19.54 -5.06 -0.40
N TRP A 96 -18.55 -4.23 -0.73
CA TRP A 96 -17.14 -4.65 -0.81
C TRP A 96 -16.60 -5.05 0.58
N ILE A 97 -17.08 -4.42 1.64
CA ILE A 97 -16.71 -4.86 2.99
C ILE A 97 -17.09 -6.31 3.20
N LEU A 98 -18.28 -6.68 2.73
CA LEU A 98 -18.74 -8.05 2.85
C LEU A 98 -18.13 -9.03 1.83
N ASP A 99 -17.92 -8.57 0.60
CA ASP A 99 -17.20 -9.39 -0.38
C ASP A 99 -15.80 -9.76 0.04
N THR A 100 -15.08 -8.80 0.62
CA THR A 100 -13.72 -9.02 1.07
C THR A 100 -13.75 -10.09 2.18
N SER A 101 -14.84 -10.05 2.95
CA SER A 101 -15.05 -10.97 4.07
C SER A 101 -15.41 -12.39 3.62
N ASN A 102 -16.29 -12.51 2.62
CA ASN A 102 -17.06 -13.73 2.41
C ASN A 102 -16.82 -14.45 1.08
N ARG A 103 -16.25 -13.75 0.10
CA ARG A 103 -16.11 -14.36 -1.21
C ARG A 103 -14.91 -15.32 -1.19
N SER A 104 -14.99 -16.42 -1.91
CA SER A 104 -13.80 -17.07 -2.44
C SER A 104 -13.04 -16.12 -3.34
N TYR A 105 -11.74 -15.96 -3.07
CA TYR A 105 -10.90 -15.17 -3.95
C TYR A 105 -10.50 -16.09 -5.09
N ASP A 106 -11.47 -16.34 -5.98
CA ASP A 106 -11.27 -17.10 -7.20
C ASP A 106 -11.28 -16.17 -8.43
N GLN A 107 -11.43 -16.73 -9.64
CA GLN A 107 -11.38 -15.90 -10.85
C GLN A 107 -12.51 -14.87 -10.97
N ALA A 108 -13.69 -15.19 -10.45
CA ALA A 108 -14.77 -14.23 -10.53
C ALA A 108 -14.45 -13.04 -9.61
N TRP A 109 -13.79 -13.31 -8.49
CA TRP A 109 -13.33 -12.25 -7.58
C TRP A 109 -12.27 -11.37 -8.27
N LEU A 110 -11.26 -12.00 -8.86
CA LEU A 110 -10.22 -11.29 -9.60
C LEU A 110 -10.82 -10.41 -10.68
N ASP A 111 -11.77 -10.96 -11.43
CA ASP A 111 -12.45 -10.18 -12.46
C ASP A 111 -13.09 -8.95 -11.86
N TYR A 112 -13.61 -9.06 -10.66
CA TYR A 112 -14.17 -7.85 -10.06
C TYR A 112 -13.13 -6.84 -9.53
N GLN A 113 -12.00 -7.35 -9.04
CA GLN A 113 -10.87 -6.50 -8.65
C GLN A 113 -10.40 -5.63 -9.83
N TYR A 114 -10.26 -6.27 -10.98
CA TYR A 114 -9.88 -5.58 -12.18
C TYR A 114 -10.90 -4.48 -12.51
N GLU A 115 -12.17 -4.82 -12.48
CA GLU A 115 -13.24 -3.86 -12.63
C GLU A 115 -13.17 -2.69 -11.64
N ILE A 116 -12.97 -2.99 -10.35
CA ILE A 116 -12.88 -1.91 -9.37
C ILE A 116 -11.67 -1.01 -9.63
N GLY A 117 -10.55 -1.60 -10.05
CA GLY A 117 -9.42 -0.84 -10.56
C GLY A 117 -9.85 0.07 -11.69
N LEU A 118 -10.55 -0.47 -12.69
CA LEU A 118 -10.94 0.31 -13.88
C LEU A 118 -11.83 1.50 -13.52
N ARG A 119 -12.61 1.40 -12.44
CA ARG A 119 -13.58 2.41 -12.06
C ARG A 119 -12.94 3.56 -11.27
N HIS A 120 -11.80 3.30 -10.62
CA HIS A 120 -11.02 4.35 -9.99
C HIS A 120 -10.18 5.08 -11.04
N HIS A 121 -9.69 4.32 -12.03
CA HIS A 121 -8.91 4.82 -13.18
C HIS A 121 -9.84 5.56 -14.16
N ARG A 122 -9.23 6.38 -15.02
CA ARG A 122 -9.96 7.10 -16.06
C ARG A 122 -10.72 6.17 -17.01
N THR A 123 -10.21 4.94 -17.17
CA THR A 123 -10.83 3.96 -18.07
C THR A 123 -12.34 3.86 -17.87
N LYS A 124 -12.79 3.76 -16.62
CA LYS A 124 -14.20 3.55 -16.35
C LYS A 124 -14.79 4.42 -15.25
N LYS A 125 -14.02 5.36 -14.72
CA LYS A 125 -14.57 6.23 -13.67
C LYS A 125 -15.77 7.01 -14.22
N ASN A 126 -16.80 7.19 -13.40
CA ASN A 126 -17.95 8.02 -13.75
C ASN A 126 -18.98 7.42 -14.74
N GLN A 127 -18.64 6.26 -15.32
CA GLN A 127 -19.54 5.49 -16.19
C GLN A 127 -20.57 4.63 -15.46
N THR A 128 -20.18 3.96 -14.39
CA THR A 128 -21.10 3.16 -13.61
C THR A 128 -22.35 3.95 -13.21
N ASP A 129 -22.16 5.14 -12.68
CA ASP A 129 -23.29 5.91 -12.15
C ASP A 129 -23.74 6.99 -13.14
N ASN A 130 -23.06 7.08 -14.27
CA ASN A 130 -23.44 8.02 -15.32
C ASN A 130 -23.40 9.46 -14.79
N VAL A 131 -22.32 9.81 -14.12
CA VAL A 131 -22.13 11.14 -13.57
C VAL A 131 -21.00 11.87 -14.26
N GLU A 132 -21.04 13.21 -14.15
CA GLU A 132 -19.92 14.07 -14.56
C GLU A 132 -19.08 14.50 -13.35
N SER A 133 -17.80 14.14 -13.39
CA SER A 133 -16.89 14.35 -12.24
C SER A 133 -15.47 14.29 -12.75
N VAL A 134 -14.51 14.38 -11.84
CA VAL A 134 -13.12 14.36 -12.25
C VAL A 134 -12.77 13.02 -12.95
N PRO A 135 -11.89 13.08 -13.96
CA PRO A 135 -11.78 11.91 -14.85
C PRO A 135 -11.05 10.71 -14.23
N ASN A 136 -10.19 10.97 -13.24
CA ASN A 136 -9.22 10.00 -12.77
C ASN A 136 -8.92 10.23 -11.30
N ILE A 137 -8.74 9.17 -10.54
CA ILE A 137 -8.20 9.28 -9.19
C ILE A 137 -6.71 8.96 -9.26
N GLY A 138 -5.86 9.95 -8.96
CA GLY A 138 -4.40 9.73 -8.95
C GLY A 138 -4.03 8.49 -8.14
N TYR A 139 -3.34 7.56 -8.77
CA TYR A 139 -3.01 6.31 -8.10
C TYR A 139 -2.34 6.53 -6.72
N ARG A 140 -1.62 7.63 -6.56
CA ARG A 140 -0.93 7.91 -5.30
C ARG A 140 -1.87 7.79 -4.10
N TYR A 141 -3.12 8.18 -4.30
CA TYR A 141 -4.08 8.11 -3.24
C TYR A 141 -4.67 6.71 -3.03
N LEU A 142 -4.77 5.91 -4.08
CA LEU A 142 -5.19 4.50 -3.88
C LEU A 142 -4.24 3.83 -2.91
N VAL A 143 -2.95 4.04 -3.12
CA VAL A 143 -1.94 3.44 -2.23
C VAL A 143 -2.03 4.02 -0.82
N ALA A 144 -1.96 5.34 -0.73
CA ALA A 144 -2.15 6.06 0.56
C ALA A 144 -3.35 5.54 1.37
N PHE A 145 -4.47 5.28 0.70
CA PHE A 145 -5.69 4.92 1.43
C PHE A 145 -5.65 3.57 2.14
N ILE A 146 -4.67 2.73 1.80
CA ILE A 146 -4.46 1.51 2.58
C ILE A 146 -4.42 1.85 4.06
N TYR A 147 -3.75 2.96 4.41
CA TYR A 147 -3.67 3.30 5.83
C TYR A 147 -5.01 3.62 6.48
N PRO A 148 -5.65 4.73 6.09
CA PRO A 148 -6.95 5.03 6.71
C PRO A 148 -7.94 3.86 6.59
N ILE A 149 -7.92 3.10 5.50
CA ILE A 149 -8.91 2.05 5.35
C ILE A 149 -8.74 0.95 6.41
N THR A 150 -7.47 0.59 6.70
CA THR A 150 -7.17 -0.26 7.85
C THR A 150 -7.42 0.38 9.21
N ALA A 151 -6.95 1.61 9.39
CA ALA A 151 -7.19 2.34 10.64
C ALA A 151 -8.68 2.36 10.95
N THR A 152 -9.42 3.12 10.17
CA THR A 152 -10.88 3.17 10.31
C THR A 152 -11.54 1.85 10.76
N MET A 153 -10.98 0.72 10.35
CA MET A 153 -11.60 -0.57 10.60
C MET A 153 -11.36 -1.05 12.04
N LYS A 154 -10.19 -0.73 12.60
CA LYS A 154 -9.74 -1.46 13.80
C LYS A 154 -10.68 -1.31 15.00
N PRO A 155 -11.07 -0.06 15.32
CA PRO A 155 -12.02 0.16 16.41
C PRO A 155 -13.31 -0.66 16.21
N PHE A 156 -13.76 -0.80 14.97
CA PHE A 156 -15.00 -1.54 14.72
C PHE A 156 -14.84 -3.03 14.99
N LEU A 157 -13.61 -3.54 14.87
CA LEU A 157 -13.35 -4.96 15.07
C LEU A 157 -13.32 -5.29 16.56
N ALA A 158 -13.27 -4.24 17.39
CA ALA A 158 -13.17 -4.38 18.83
C ALA A 158 -14.54 -4.39 19.55
N ARG A 159 -15.62 -4.14 18.81
CA ARG A 159 -16.87 -3.63 19.38
C ARG A 159 -17.81 -4.70 19.88
N LYS A 160 -17.69 -5.90 19.31
CA LYS A 160 -18.42 -7.06 19.81
C LYS A 160 -17.64 -7.68 20.98
N GLY A 161 -16.73 -6.91 21.54
CA GLY A 161 -15.85 -7.35 22.59
C GLY A 161 -15.08 -8.65 22.41
N HIS A 162 -14.30 -8.76 21.35
CA HIS A 162 -13.49 -9.94 21.13
C HIS A 162 -12.22 -9.66 21.86
N THR A 163 -11.55 -10.72 22.28
CA THR A 163 -10.17 -10.71 22.78
C THR A 163 -9.29 -9.80 21.90
N PRO A 164 -8.35 -9.11 22.51
CA PRO A 164 -7.43 -8.24 21.78
C PRO A 164 -6.59 -9.04 20.79
N GLU A 165 -6.34 -10.30 21.11
CA GLU A 165 -5.57 -11.18 20.23
C GLU A 165 -6.35 -11.50 18.97
N GLU A 166 -7.65 -11.80 19.14
CA GLU A 166 -8.51 -12.09 18.01
C GLU A 166 -8.78 -10.82 17.19
N VAL A 167 -8.83 -9.68 17.87
CA VAL A 167 -9.00 -8.42 17.19
C VAL A 167 -7.77 -8.13 16.34
N GLU A 168 -6.61 -8.47 16.87
CA GLU A 168 -5.35 -8.28 16.19
C GLU A 168 -5.29 -9.16 14.95
N LYS A 169 -5.85 -10.35 15.05
CA LYS A 169 -5.81 -11.27 13.94
C LYS A 169 -6.74 -10.85 12.79
N MET A 170 -7.93 -10.35 13.14
CA MET A 170 -8.90 -9.82 12.16
C MET A 170 -8.38 -8.52 11.50
N TYR A 171 -7.74 -7.67 12.29
CA TYR A 171 -7.12 -6.45 11.77
C TYR A 171 -5.96 -6.76 10.78
N GLN A 172 -5.14 -7.76 11.10
CA GLN A 172 -4.03 -8.09 10.23
C GLN A 172 -4.57 -8.68 8.93
N ALA A 173 -5.58 -9.55 9.06
CA ALA A 173 -6.19 -10.18 7.89
C ALA A 173 -6.72 -9.07 6.98
N TRP A 174 -7.37 -8.09 7.60
CA TRP A 174 -7.93 -6.95 6.87
C TRP A 174 -6.86 -6.07 6.21
N PHE A 175 -5.80 -5.76 6.94
CA PHE A 175 -4.66 -5.00 6.42
C PHE A 175 -4.07 -5.70 5.17
N LYS A 176 -3.96 -7.03 5.24
CA LYS A 176 -3.43 -7.85 4.13
C LYS A 176 -4.35 -7.88 2.92
N ALA A 177 -5.66 -7.99 3.16
CA ALA A 177 -6.61 -8.07 2.05
C ALA A 177 -6.72 -6.73 1.34
N THR A 178 -6.67 -5.65 2.11
CA THR A 178 -6.78 -4.32 1.53
C THR A 178 -5.52 -4.06 0.71
N THR A 179 -4.36 -4.44 1.24
CA THR A 179 -3.09 -4.27 0.53
C THR A 179 -3.09 -5.12 -0.74
N LEU A 180 -3.58 -6.34 -0.62
CA LEU A 180 -3.68 -7.26 -1.75
C LEU A 180 -4.56 -6.69 -2.86
N GLN A 181 -5.72 -6.18 -2.51
CA GLN A 181 -6.62 -5.59 -3.50
C GLN A 181 -6.06 -4.33 -4.16
N VAL A 182 -5.61 -3.37 -3.36
CA VAL A 182 -5.07 -2.14 -3.94
C VAL A 182 -3.93 -2.48 -4.90
N ALA A 183 -3.16 -3.52 -4.60
CA ALA A 183 -2.04 -3.89 -5.48
C ALA A 183 -2.52 -4.40 -6.84
N LEU A 184 -3.65 -5.10 -6.83
CA LEU A 184 -4.33 -5.56 -8.05
C LEU A 184 -4.99 -4.41 -8.83
N TRP A 185 -5.53 -3.44 -8.09
CA TRP A 185 -6.23 -2.31 -8.70
C TRP A 185 -5.27 -1.41 -9.45
N SER A 186 -3.97 -1.56 -9.21
CA SER A 186 -3.02 -0.71 -9.91
C SER A 186 -2.86 -1.07 -11.38
N TYR A 187 -3.35 -2.26 -11.78
CA TYR A 187 -3.13 -2.71 -13.16
C TYR A 187 -3.38 -1.64 -14.24
N PRO A 188 -4.58 -1.08 -14.29
CA PRO A 188 -4.87 -0.13 -15.37
C PRO A 188 -4.07 1.18 -15.30
N TYR A 189 -3.44 1.41 -14.16
CA TYR A 189 -2.60 2.58 -13.92
C TYR A 189 -1.19 2.37 -14.39
N VAL A 190 -0.72 1.13 -14.28
CA VAL A 190 0.71 0.85 -14.44
C VAL A 190 1.06 0.62 -15.91
N LYS A 191 2.08 1.33 -16.40
CA LYS A 191 2.63 1.08 -17.74
C LYS A 191 2.68 -0.43 -18.07
N TYR A 192 2.18 -0.75 -19.25
CA TYR A 192 1.99 -2.13 -19.68
C TYR A 192 3.35 -2.83 -19.61
N GLY A 193 3.41 -4.01 -18.99
CA GLY A 193 4.69 -4.70 -18.82
C GLY A 193 5.40 -4.40 -17.51
N ASP A 194 4.92 -3.41 -16.78
CA ASP A 194 5.58 -2.98 -15.55
C ASP A 194 4.84 -3.52 -14.30
N PHE A 195 3.68 -4.12 -14.51
CA PHE A 195 2.86 -4.65 -13.41
C PHE A 195 3.43 -5.94 -12.80
N LYS B 5 29.72 7.06 2.45
CA LYS B 5 30.54 5.85 2.71
C LYS B 5 29.78 4.57 2.29
N ILE B 6 28.53 4.72 1.86
CA ILE B 6 27.72 3.55 1.48
C ILE B 6 27.53 3.51 0.00
N PRO B 7 28.17 2.52 -0.67
CA PRO B 7 28.27 2.62 -2.13
C PRO B 7 26.88 2.59 -2.78
N GLY B 8 26.69 3.51 -3.72
CA GLY B 8 25.41 3.65 -4.39
C GLY B 8 24.41 4.56 -3.66
N TYR B 9 24.72 4.88 -2.40
CA TYR B 9 23.81 5.71 -1.61
C TYR B 9 24.00 7.19 -1.93
N THR B 10 23.02 7.80 -2.59
CA THR B 10 23.22 9.14 -3.09
C THR B 10 22.24 10.17 -2.50
N TYR B 11 21.75 9.94 -1.29
CA TYR B 11 20.80 10.89 -0.72
C TYR B 11 21.41 12.29 -0.75
N GLY B 12 20.70 13.25 -1.32
CA GLY B 12 21.18 14.62 -1.35
C GLY B 12 22.12 14.93 -2.49
N GLU B 13 22.42 13.93 -3.33
CA GLU B 13 23.25 14.15 -4.54
C GLU B 13 22.63 13.51 -5.78
N THR B 14 21.32 13.54 -5.88
CA THR B 14 20.67 12.93 -7.04
C THR B 14 20.68 13.86 -8.25
N GLU B 15 20.65 13.28 -9.44
CA GLU B 15 20.75 14.05 -10.68
C GLU B 15 19.42 14.59 -11.18
N ASN B 16 18.32 14.22 -10.52
CA ASN B 16 17.01 14.68 -10.96
C ASN B 16 16.29 15.35 -9.80
N ARG B 17 15.60 16.46 -10.07
CA ARG B 17 14.50 16.94 -9.23
C ARG B 17 13.33 15.96 -9.32
N ALA B 18 12.72 15.65 -8.17
CA ALA B 18 11.50 14.85 -8.17
C ALA B 18 10.35 15.56 -8.88
N PRO B 19 9.44 14.79 -9.46
CA PRO B 19 8.32 15.41 -10.15
C PRO B 19 7.21 15.77 -9.18
N PHE B 20 7.46 15.53 -7.90
CA PHE B 20 6.51 15.94 -6.86
C PHE B 20 7.18 16.86 -5.87
N ASN B 21 6.42 17.79 -5.32
CA ASN B 21 6.97 18.78 -4.40
C ASN B 21 6.28 18.74 -3.04
N LEU B 22 6.56 19.73 -2.21
CA LEU B 22 6.20 19.64 -0.81
C LEU B 22 4.74 19.89 -0.66
N GLU B 23 4.15 20.51 -1.67
CA GLU B 23 2.71 20.65 -1.74
C GLU B 23 2.02 19.29 -1.98
N ASP B 24 2.51 18.54 -2.97
CA ASP B 24 2.08 17.15 -3.18
C ASP B 24 2.25 16.32 -1.93
N LEU B 25 3.36 16.54 -1.25
CA LEU B 25 3.68 15.74 -0.08
C LEU B 25 2.71 16.01 1.08
N LYS B 26 2.28 17.26 1.25
CA LYS B 26 1.42 17.60 2.38
C LYS B 26 0.05 16.92 2.19
N LEU B 27 -0.43 16.90 0.95
CA LEU B 27 -1.72 16.30 0.64
C LEU B 27 -1.70 14.76 0.72
N LEU B 28 -0.55 14.17 0.43
CA LEU B 28 -0.33 12.72 0.62
C LEU B 28 -0.17 12.37 2.09
N LYS B 29 0.59 13.19 2.82
CA LYS B 29 0.63 13.04 4.26
C LYS B 29 -0.78 12.98 4.82
N GLU B 30 -1.62 13.90 4.38
CA GLU B 30 -2.98 13.96 4.87
C GLU B 30 -3.74 12.68 4.48
N ALA B 31 -3.57 12.21 3.26
CA ALA B 31 -4.24 10.96 2.86
C ALA B 31 -3.84 9.77 3.75
N VAL B 32 -2.58 9.70 4.18
CA VAL B 32 -2.19 8.64 5.10
C VAL B 32 -2.32 8.99 6.58
N MET B 33 -2.94 10.13 6.88
CA MET B 33 -3.23 10.51 8.25
C MET B 33 -1.94 10.73 9.05
N PHE B 34 -0.89 11.17 8.38
CA PHE B 34 0.41 11.43 9.02
C PHE B 34 0.47 12.88 9.50
N THR B 35 0.76 13.07 10.79
CA THR B 35 0.79 14.43 11.40
C THR B 35 2.10 14.67 12.15
N ALA B 36 2.26 15.85 12.77
CA ALA B 36 3.40 16.10 13.67
C ALA B 36 3.60 15.06 14.74
N GLU B 37 2.52 14.46 15.22
CA GLU B 37 2.66 13.42 16.24
C GLU B 37 3.41 12.21 15.66
N ASP B 38 3.13 11.86 14.41
CA ASP B 38 3.87 10.76 13.79
C ASP B 38 5.36 11.09 13.59
N GLU B 39 5.69 12.35 13.32
CA GLU B 39 7.10 12.78 13.27
C GLU B 39 7.83 12.42 14.53
N GLU B 40 7.23 12.75 15.67
CA GLU B 40 7.82 12.48 16.97
C GLU B 40 7.93 10.99 17.27
N TYR B 41 7.09 10.03 16.81
CA TYR B 41 7.18 8.56 16.84
C TYR B 41 7.94 7.90 15.69
N ILE B 42 7.99 8.40 14.68
CA ILE B 42 8.88 7.79 13.73
C ILE B 42 10.33 8.02 14.17
N GLN B 43 10.60 9.21 14.67
CA GLN B 43 11.91 9.53 15.26
C GLN B 43 12.24 8.64 16.47
N LYS B 44 11.22 8.35 17.26
CA LYS B 44 11.35 7.44 18.39
C LYS B 44 11.61 6.03 17.86
N ALA B 45 10.85 5.65 16.84
CA ALA B 45 11.08 4.37 16.17
C ALA B 45 12.57 4.17 15.83
N GLY B 46 13.21 5.22 15.33
CA GLY B 46 14.62 5.12 14.90
C GLY B 46 15.58 4.78 16.02
N GLU B 47 15.47 5.53 17.12
CA GLU B 47 16.26 5.28 18.34
C GLU B 47 16.15 3.83 18.83
N VAL B 48 14.96 3.26 18.64
CA VAL B 48 14.64 1.90 19.10
C VAL B 48 15.17 0.81 18.16
N LEU B 49 15.13 1.09 16.86
CA LEU B 49 15.51 0.12 15.84
C LEU B 49 17.01 0.19 15.57
N GLU B 50 17.62 1.34 15.86
CA GLU B 50 18.98 1.61 15.41
C GLU B 50 19.92 0.46 15.74
N ASP B 51 19.78 -0.03 16.97
CA ASP B 51 20.61 -1.08 17.55
C ASP B 51 20.46 -2.39 16.86
N GLN B 52 19.25 -2.65 16.40
CA GLN B 52 18.83 -3.98 16.03
C GLN B 52 18.87 -4.14 14.51
N VAL B 53 19.40 -3.14 13.83
CA VAL B 53 19.29 -3.08 12.37
C VAL B 53 19.81 -4.34 11.67
N GLU B 54 20.86 -4.96 12.21
CA GLU B 54 21.37 -6.21 11.65
C GLU B 54 20.33 -7.32 11.65
N GLU B 55 19.66 -7.48 12.76
CA GLU B 55 18.72 -8.54 12.94
C GLU B 55 17.50 -8.36 12.07
N ILE B 56 17.04 -7.14 12.00
CA ILE B 56 15.94 -6.73 11.13
C ILE B 56 16.21 -7.12 9.67
N LEU B 57 17.41 -6.82 9.19
CA LEU B 57 17.74 -7.10 7.79
C LEU B 57 17.77 -8.60 7.52
N ASP B 58 18.25 -9.34 8.51
CA ASP B 58 18.24 -10.79 8.46
C ASP B 58 16.80 -11.30 8.40
N THR B 59 15.93 -10.73 9.23
CA THR B 59 14.50 -11.12 9.19
C THR B 59 13.91 -10.85 7.80
N TRP B 60 14.22 -9.69 7.26
CA TRP B 60 13.64 -9.26 6.00
C TRP B 60 14.19 -10.05 4.81
N TYR B 61 15.51 -10.20 4.75
CA TYR B 61 16.10 -11.03 3.70
C TYR B 61 15.80 -12.50 3.81
N GLY B 62 15.54 -12.97 5.03
CA GLY B 62 15.10 -14.35 5.26
C GLY B 62 13.67 -14.60 4.81
N PHE B 63 12.82 -13.58 4.86
CA PHE B 63 11.54 -13.64 4.18
C PHE B 63 11.73 -13.57 2.67
N VAL B 64 12.54 -12.63 2.20
CA VAL B 64 12.79 -12.55 0.75
C VAL B 64 13.41 -13.86 0.18
N GLY B 65 14.47 -14.35 0.82
CA GLY B 65 15.18 -15.51 0.32
C GLY B 65 14.31 -16.75 0.27
N SER B 66 13.33 -16.84 1.16
CA SER B 66 12.51 -18.04 1.24
C SER B 66 11.42 -18.11 0.16
N HIS B 67 11.27 -17.04 -0.62
CA HIS B 67 10.27 -17.04 -1.69
C HIS B 67 10.91 -16.82 -3.05
N PRO B 68 10.93 -17.87 -3.88
CA PRO B 68 11.72 -17.82 -5.10
C PRO B 68 11.23 -16.74 -6.06
N HIS B 69 9.93 -16.49 -6.09
CA HIS B 69 9.40 -15.48 -7.00
C HIS B 69 9.72 -14.08 -6.45
N LEU B 70 10.20 -14.02 -5.21
CA LEU B 70 10.67 -12.77 -4.59
C LEU B 70 12.20 -12.57 -4.64
N LEU B 71 12.95 -13.59 -4.18
CA LEU B 71 14.40 -13.68 -4.40
C LEU B 71 14.77 -13.42 -5.87
N TYR B 72 13.91 -13.88 -6.75
CA TYR B 72 14.07 -13.70 -8.21
C TYR B 72 14.64 -12.33 -8.59
N TYR B 73 14.20 -11.27 -7.92
CA TYR B 73 14.54 -9.91 -8.36
C TYR B 73 15.97 -9.51 -7.98
N PHE B 74 16.60 -10.31 -7.13
CA PHE B 74 18.05 -10.26 -6.88
C PHE B 74 18.88 -11.29 -7.66
N THR B 75 18.30 -12.00 -8.64
CA THR B 75 19.06 -13.12 -9.25
C THR B 75 19.89 -12.68 -10.44
N SER B 76 21.03 -13.32 -10.62
CA SER B 76 21.66 -13.38 -11.95
C SER B 76 20.74 -14.07 -12.98
N PRO B 77 20.97 -13.82 -14.28
CA PRO B 77 20.17 -14.45 -15.36
C PRO B 77 20.08 -15.99 -15.28
N ASP B 78 21.09 -16.62 -14.69
CA ASP B 78 21.07 -18.06 -14.54
C ASP B 78 20.20 -18.57 -13.40
N GLY B 79 19.53 -17.66 -12.68
CA GLY B 79 18.63 -18.05 -11.59
C GLY B 79 19.18 -18.05 -10.18
N THR B 80 20.50 -17.92 -10.04
CA THR B 80 21.14 -17.97 -8.72
C THR B 80 21.22 -16.54 -8.14
N PRO B 81 21.03 -16.42 -6.83
CA PRO B 81 21.08 -15.09 -6.21
C PRO B 81 22.40 -14.39 -6.48
N ASN B 82 22.36 -13.15 -6.94
CA ASN B 82 23.59 -12.37 -7.03
C ASN B 82 23.99 -11.80 -5.67
N GLU B 83 25.06 -12.32 -5.11
CA GLU B 83 25.43 -12.04 -3.71
C GLU B 83 26.01 -10.65 -3.56
N LYS B 84 26.59 -10.13 -4.64
CA LYS B 84 27.14 -8.79 -4.63
C LYS B 84 26.00 -7.78 -4.74
N TYR B 85 24.89 -8.25 -5.28
CA TYR B 85 23.68 -7.45 -5.42
C TYR B 85 22.97 -7.34 -4.06
N LEU B 86 22.86 -8.48 -3.39
CA LEU B 86 22.21 -8.58 -2.09
C LEU B 86 22.90 -7.73 -1.03
N ALA B 87 24.21 -7.86 -0.93
CA ALA B 87 25.02 -7.18 0.08
C ALA B 87 25.00 -5.66 -0.13
N ALA B 88 25.13 -5.22 -1.38
CA ALA B 88 25.17 -3.79 -1.62
C ALA B 88 23.83 -3.11 -1.25
N VAL B 89 22.72 -3.68 -1.75
CA VAL B 89 21.36 -3.20 -1.48
C VAL B 89 21.04 -3.24 0.02
N ARG B 90 21.47 -4.31 0.67
CA ARG B 90 21.32 -4.44 2.12
C ARG B 90 21.86 -3.22 2.89
N LYS B 91 23.04 -2.74 2.52
CA LYS B 91 23.60 -1.54 3.15
C LYS B 91 22.69 -0.32 2.92
N ARG B 92 22.15 -0.19 1.71
CA ARG B 92 21.30 0.97 1.41
C ARG B 92 19.91 0.84 2.06
N PHE B 93 19.45 -0.40 2.23
CA PHE B 93 18.19 -0.67 2.89
C PHE B 93 18.28 -0.30 4.36
N SER B 94 19.38 -0.73 4.97
CA SER B 94 19.64 -0.42 6.38
C SER B 94 19.69 1.10 6.66
N ARG B 95 20.28 1.84 5.73
CA ARG B 95 20.29 3.28 5.84
C ARG B 95 18.88 3.94 5.70
N TRP B 96 18.03 3.33 4.87
CA TRP B 96 16.65 3.81 4.66
C TRP B 96 15.81 3.66 5.93
N ILE B 97 16.10 2.64 6.74
CA ILE B 97 15.43 2.53 8.04
C ILE B 97 15.69 3.77 8.88
N LEU B 98 16.93 4.24 8.86
CA LEU B 98 17.31 5.42 9.61
C LEU B 98 16.88 6.76 8.97
N ASP B 99 16.97 6.84 7.64
CA ASP B 99 16.44 7.99 6.92
C ASP B 99 14.96 8.23 7.15
N THR B 100 14.18 7.15 7.15
CA THR B 100 12.74 7.24 7.35
C THR B 100 12.49 7.78 8.77
N SER B 101 13.39 7.39 9.68
CA SER B 101 13.33 7.80 11.07
C SER B 101 13.72 9.26 11.31
N ASN B 102 14.77 9.73 10.65
CA ASN B 102 15.51 10.90 11.10
C ASN B 102 15.51 12.08 10.15
N ARG B 103 15.21 11.86 8.87
CA ARG B 103 15.32 12.94 7.89
C ARG B 103 14.11 13.84 8.05
N SER B 104 14.29 15.14 7.83
CA SER B 104 13.20 16.00 7.41
C SER B 104 12.67 15.50 6.07
N TYR B 105 11.36 15.32 5.98
CA TYR B 105 10.75 14.99 4.72
C TYR B 105 10.58 16.28 3.95
N ASP B 106 11.70 16.81 3.46
CA ASP B 106 11.72 18.00 2.60
C ASP B 106 12.04 17.62 1.15
N GLN B 107 12.39 18.61 0.31
CA GLN B 107 12.64 18.33 -1.10
C GLN B 107 13.82 17.39 -1.39
N ALA B 108 14.86 17.44 -0.57
CA ALA B 108 15.97 16.52 -0.77
C ALA B 108 15.49 15.09 -0.47
N TRP B 109 14.60 14.94 0.51
CA TRP B 109 14.00 13.63 0.81
C TRP B 109 13.15 13.13 -0.38
N LEU B 110 12.27 14.00 -0.88
CA LEU B 110 11.42 13.66 -2.02
C LEU B 110 12.29 13.25 -3.22
N ASP B 111 13.35 14.01 -3.47
CA ASP B 111 14.26 13.68 -4.56
C ASP B 111 14.81 12.29 -4.39
N TYR B 112 15.08 11.88 -3.17
CA TYR B 112 15.55 10.51 -3.02
C TYR B 112 14.46 9.43 -3.13
N GLN B 113 13.23 9.77 -2.74
CA GLN B 113 12.06 8.90 -2.95
CA GLN B 113 12.09 8.88 -2.94
C GLN B 113 11.88 8.58 -4.43
N TYR B 114 11.97 9.61 -5.26
CA TYR B 114 11.91 9.46 -6.68
C TYR B 114 13.01 8.53 -7.19
N GLU B 115 14.23 8.79 -6.77
CA GLU B 115 15.35 7.92 -7.05
C GLU B 115 15.12 6.45 -6.64
N ILE B 116 14.63 6.23 -5.42
CA ILE B 116 14.38 4.86 -5.00
C ILE B 116 13.30 4.18 -5.84
N GLY B 117 12.26 4.94 -6.19
CA GLY B 117 11.28 4.48 -7.17
C GLY B 117 11.96 4.09 -8.47
N LEU B 118 12.84 4.96 -9.01
CA LEU B 118 13.52 4.68 -10.28
C LEU B 118 14.37 3.40 -10.25
N ARG B 119 14.89 3.05 -9.08
CA ARG B 119 15.81 1.93 -8.94
C ARG B 119 15.07 0.58 -8.83
N HIS B 120 13.81 0.61 -8.37
CA HIS B 120 12.96 -0.57 -8.38
C HIS B 120 12.41 -0.78 -9.81
N HIS B 121 12.10 0.32 -10.49
CA HIS B 121 11.60 0.34 -11.87
C HIS B 121 12.74 0.01 -12.85
N ARG B 122 12.35 -0.37 -14.07
CA ARG B 122 13.31 -0.66 -15.13
C ARG B 122 14.21 0.53 -15.45
N THR B 123 13.69 1.75 -15.24
CA THR B 123 14.43 2.98 -15.51
C THR B 123 15.86 2.93 -14.97
N LYS B 124 16.06 2.48 -13.72
CA LYS B 124 17.39 2.52 -13.08
C LYS B 124 17.81 1.21 -12.43
N LYS B 125 16.91 0.23 -12.39
CA LYS B 125 17.27 -1.00 -11.69
C LYS B 125 18.58 -1.56 -12.24
N ASN B 126 19.43 -2.07 -11.36
CA ASN B 126 20.67 -2.74 -11.77
C ASN B 126 21.83 -1.86 -12.32
N GLN B 127 21.61 -0.54 -12.35
CA GLN B 127 22.65 0.46 -12.63
C GLN B 127 23.46 0.92 -11.41
N THR B 128 22.80 1.12 -10.27
CA THR B 128 23.51 1.51 -9.08
C THR B 128 24.69 0.59 -8.76
N ASP B 129 24.45 -0.73 -8.80
CA ASP B 129 25.48 -1.67 -8.41
C ASP B 129 26.18 -2.30 -9.62
N ASN B 130 25.77 -1.90 -10.81
CA ASN B 130 26.39 -2.37 -12.05
C ASN B 130 26.32 -3.90 -12.14
N VAL B 131 25.12 -4.43 -11.88
CA VAL B 131 24.87 -5.86 -11.96
C VAL B 131 23.93 -6.21 -13.10
N GLU B 132 23.99 -7.48 -13.51
CA GLU B 132 23.03 -8.04 -14.47
C GLU B 132 21.97 -8.87 -13.73
N SER B 133 20.71 -8.49 -13.89
CA SER B 133 19.61 -9.10 -13.13
C SER B 133 18.32 -8.79 -13.86
N VAL B 134 17.20 -9.20 -13.27
CA VAL B 134 15.92 -8.95 -13.91
C VAL B 134 15.66 -7.44 -14.10
N PRO B 135 15.01 -7.06 -15.20
CA PRO B 135 15.05 -5.64 -15.56
C PRO B 135 14.15 -4.76 -14.67
N ASN B 136 13.12 -5.35 -14.08
CA ASN B 136 12.03 -4.59 -13.46
C ASN B 136 11.44 -5.38 -12.30
N ILE B 137 11.06 -4.69 -11.24
CA ILE B 137 10.25 -5.30 -10.19
C ILE B 137 8.80 -4.90 -10.41
N GLY B 138 7.94 -5.90 -10.71
CA GLY B 138 6.51 -5.62 -10.93
C GLY B 138 5.91 -4.78 -9.81
N TYR B 139 5.33 -3.64 -10.14
CA TYR B 139 4.82 -2.76 -9.10
C TYR B 139 3.89 -3.47 -8.10
N ARG B 140 3.21 -4.52 -8.55
CA ARG B 140 2.27 -5.23 -7.67
C ARG B 140 2.93 -5.64 -6.35
N TYR B 141 4.20 -6.00 -6.42
CA TYR B 141 4.94 -6.39 -5.26
C TYR B 141 5.41 -5.21 -4.39
N LEU B 142 5.67 -4.05 -5.00
CA LEU B 142 6.00 -2.86 -4.20
C LEU B 142 4.85 -2.57 -3.25
N VAL B 143 3.63 -2.62 -3.77
CA VAL B 143 2.44 -2.38 -2.95
C VAL B 143 2.27 -3.48 -1.92
N ALA B 144 2.24 -4.73 -2.38
CA ALA B 144 2.18 -5.91 -1.47
C ALA B 144 3.15 -5.80 -0.28
N PHE B 145 4.39 -5.37 -0.54
CA PHE B 145 5.41 -5.37 0.51
C PHE B 145 5.16 -4.38 1.64
N ILE B 146 4.23 -3.45 1.45
CA ILE B 146 3.83 -2.63 2.58
C ILE B 146 3.50 -3.52 3.78
N TYR B 147 2.83 -4.65 3.53
CA TYR B 147 2.47 -5.53 4.65
C TYR B 147 3.65 -6.14 5.40
N PRO B 148 4.42 -7.02 4.74
CA PRO B 148 5.58 -7.59 5.43
C PRO B 148 6.52 -6.51 5.99
N ILE B 149 6.67 -5.38 5.31
CA ILE B 149 7.60 -4.37 5.81
C ILE B 149 7.17 -3.79 7.18
N THR B 150 5.87 -3.54 7.32
CA THR B 150 5.30 -3.19 8.63
C THR B 150 5.32 -4.34 9.63
N ALA B 151 4.93 -5.55 9.22
CA ALA B 151 4.88 -6.72 10.13
C ALA B 151 6.22 -7.16 10.70
N THR B 152 7.19 -7.34 9.82
CA THR B 152 8.58 -7.48 10.21
C THR B 152 8.99 -6.52 11.36
N MET B 153 8.53 -5.27 11.28
CA MET B 153 9.05 -4.21 12.12
C MET B 153 8.50 -4.30 13.54
N LYS B 154 7.26 -4.76 13.67
CA LYS B 154 6.53 -4.54 14.91
C LYS B 154 7.20 -5.21 16.13
N PRO B 155 7.59 -6.48 16.00
CA PRO B 155 8.28 -7.14 17.11
C PRO B 155 9.56 -6.39 17.52
N PHE B 156 10.26 -5.80 16.56
CA PHE B 156 11.48 -5.07 16.89
C PHE B 156 11.20 -3.80 17.69
N LEU B 157 10.02 -3.23 17.51
CA LEU B 157 9.66 -1.99 18.20
C LEU B 157 9.29 -2.27 19.66
N ALA B 158 9.12 -3.55 19.98
CA ALA B 158 8.70 -3.98 21.31
C ALA B 158 9.86 -4.33 22.26
N ARG B 159 11.10 -4.29 21.73
CA ARG B 159 12.22 -5.04 22.33
C ARG B 159 12.98 -4.28 23.39
N LYS B 160 12.98 -2.96 23.29
CA LYS B 160 13.54 -2.12 24.33
C LYS B 160 12.52 -1.99 25.48
N GLY B 161 11.53 -2.89 25.47
CA GLY B 161 10.47 -2.93 26.47
C GLY B 161 9.70 -1.62 26.65
N HIS B 162 9.26 -1.02 25.55
CA HIS B 162 8.33 0.12 25.61
C HIS B 162 6.93 -0.39 25.91
N THR B 163 6.07 0.48 26.44
CA THR B 163 4.69 0.13 26.70
C THR B 163 4.00 -0.13 25.37
N PRO B 164 3.00 -1.01 25.37
CA PRO B 164 2.34 -1.37 24.10
C PRO B 164 1.73 -0.17 23.34
N GLU B 165 1.47 0.92 24.00
CA GLU B 165 0.80 2.05 23.43
C GLU B 165 1.77 2.91 22.69
N GLU B 166 2.95 3.03 23.24
CA GLU B 166 4.05 3.65 22.58
C GLU B 166 4.54 2.76 21.43
N VAL B 167 4.44 1.45 21.62
CA VAL B 167 4.81 0.53 20.57
C VAL B 167 3.79 0.63 19.43
N GLU B 168 2.53 0.80 19.81
CA GLU B 168 1.43 0.94 18.86
C GLU B 168 1.60 2.24 18.07
N LYS B 169 2.09 3.27 18.74
CA LYS B 169 2.26 4.56 18.09
C LYS B 169 3.42 4.58 17.11
N MET B 170 4.54 3.96 17.48
CA MET B 170 5.70 3.80 16.60
C MET B 170 5.40 2.88 15.40
N TYR B 171 4.63 1.83 15.63
CA TYR B 171 4.18 0.94 14.55
C TYR B 171 3.23 1.65 13.56
N GLN B 172 2.33 2.51 14.06
CA GLN B 172 1.41 3.18 13.17
C GLN B 172 2.18 4.21 12.35
N ALA B 173 3.08 4.93 13.02
CA ALA B 173 3.89 5.94 12.34
C ALA B 173 4.67 5.26 11.22
N TRP B 174 5.21 4.07 11.52
CA TRP B 174 5.94 3.30 10.53
C TRP B 174 5.08 2.79 9.37
N PHE B 175 3.90 2.26 9.68
CA PHE B 175 2.92 1.82 8.69
C PHE B 175 2.58 2.98 7.71
N LYS B 176 2.39 4.18 8.26
CA LYS B 176 2.08 5.38 7.48
C LYS B 176 3.24 5.85 6.59
N ALA B 177 4.44 5.81 7.14
CA ALA B 177 5.60 6.29 6.37
C ALA B 177 5.94 5.32 5.24
N THR B 178 5.76 4.02 5.48
CA THR B 178 6.04 3.03 4.46
C THR B 178 5.01 3.17 3.35
N THR B 179 3.73 3.36 3.75
CA THR B 179 2.66 3.55 2.79
C THR B 179 2.89 4.82 1.98
N LEU B 180 3.29 5.88 2.66
CA LEU B 180 3.58 7.16 2.03
C LEU B 180 4.70 7.03 1.00
N GLN B 181 5.78 6.38 1.38
CA GLN B 181 6.88 6.19 0.44
C GLN B 181 6.52 5.33 -0.77
N VAL B 182 5.96 4.14 -0.53
CA VAL B 182 5.59 3.27 -1.63
C VAL B 182 4.67 4.00 -2.60
N ALA B 183 3.81 4.87 -2.09
CA ALA B 183 2.89 5.62 -2.97
C ALA B 183 3.63 6.58 -3.90
N LEU B 184 4.71 7.18 -3.38
CA LEU B 184 5.61 8.04 -4.14
C LEU B 184 6.46 7.27 -5.15
N TRP B 185 6.88 6.06 -4.76
CA TRP B 185 7.72 5.23 -5.61
C TRP B 185 6.98 4.74 -6.83
N SER B 186 5.65 4.84 -6.83
CA SER B 186 4.89 4.37 -7.98
C SER B 186 5.03 5.29 -9.19
N TYR B 187 5.53 6.52 -8.97
CA TYR B 187 5.57 7.49 -10.07
C TYR B 187 6.11 6.94 -11.41
N PRO B 188 7.32 6.39 -11.42
CA PRO B 188 7.87 5.93 -12.71
C PRO B 188 7.13 4.74 -13.32
N TYR B 189 6.27 4.12 -12.52
CA TYR B 189 5.47 2.96 -12.95
C TYR B 189 4.17 3.40 -13.58
N VAL B 190 3.63 4.52 -13.09
CA VAL B 190 2.27 4.90 -13.44
C VAL B 190 2.22 5.71 -14.76
N LYS B 191 1.36 5.31 -15.69
CA LYS B 191 1.09 6.09 -16.90
C LYS B 191 1.04 7.61 -16.60
N TYR B 192 1.78 8.36 -17.41
CA TYR B 192 1.97 9.80 -17.17
C TYR B 192 0.60 10.45 -17.14
N GLY B 193 0.36 11.29 -16.13
CA GLY B 193 -0.95 11.92 -15.96
C GLY B 193 -1.90 11.14 -15.07
N ASP B 194 -1.54 9.92 -14.72
CA ASP B 194 -2.42 9.08 -13.92
C ASP B 194 -1.99 9.04 -12.43
N PHE B 195 -0.84 9.64 -12.13
CA PHE B 195 -0.29 9.63 -10.79
C PHE B 195 -1.01 10.60 -9.84
#